data_5H19
#
_entry.id   5H19
#
_cell.length_a   50.490
_cell.length_b   90.990
_cell.length_c   179.170
_cell.angle_alpha   90.000
_cell.angle_beta   90.000
_cell.angle_gamma   90.000
#
_symmetry.space_group_name_H-M   'C 2 2 21'
#
loop_
_entity.id
_entity.type
_entity.pdbx_description
1 polymer 'Polycomb protein EED'
2 polymer 'Histone-lysine N-methyltransferase EZH2'
3 non-polymer 5-(furan-2-ylmethylamino)-9-(phenylmethyl)-8,10-dihydro-7H-[1,2,4]triazolo[3,4-a][2,7]naphthyridine-6-carbonitrile
4 water water
#
loop_
_entity_poly.entity_id
_entity_poly.type
_entity_poly.pdbx_seq_one_letter_code
_entity_poly.pdbx_strand_id
1 'polypeptide(L)'
;GKKCKYSFKCVNSLKEDHNQPLFGVQFNWHSKEGDPLVFATVGSNRVTLYECHSQGEIRLLQSYVDADADENFYTCAWTY
DSNTSHPLLAVAGSRGIIRIINPITMQCIKHYVGHGNAINELKFHPRDPNLLLSVSKDHALRLWNIQTDTLVAIFGGVEG
HRDEVLSADYDLLGEKIMSCGMDHSLKLWRINSKRMMNAIKESYDYNPNKTNRPFISQKIHFPDFSTRDIHRNYVDCVRW
LGDLILSKSCENAIVCWKPGKMEDDIDKIKPSESNVTILGRFDYSQCDIWYMRFSMDFWQKMLALGNQVGKLYVWDLEVE
DPHKAKCTTLTHHKCGAAIRQTSFSRDSSILIAVCDDASIWRWDRLR
;
A
2 'polypeptide(L)' SMFSSNRQKILERTEILNQEWKQRRIQPV B
#
# COMPACT_ATOMS: atom_id res chain seq x y z
N CYS A 4 -20.44 -11.48 -10.68
CA CYS A 4 -20.06 -10.36 -9.82
C CYS A 4 -20.91 -9.13 -10.13
N LYS A 5 -21.46 -8.47 -9.07
CA LYS A 5 -22.30 -7.26 -9.19
C LYS A 5 -21.54 -6.03 -9.69
N TYR A 6 -20.20 -6.07 -9.59
CA TYR A 6 -19.36 -4.96 -10.03
C TYR A 6 -19.01 -5.04 -11.50
N SER A 7 -19.33 -3.97 -12.26
CA SER A 7 -19.06 -3.90 -13.69
C SER A 7 -18.32 -2.63 -14.06
N PHE A 8 -17.36 -2.76 -14.99
CA PHE A 8 -16.51 -1.66 -15.42
C PHE A 8 -16.38 -1.61 -16.92
N LYS A 9 -16.11 -0.42 -17.45
CA LYS A 9 -15.93 -0.21 -18.89
C LYS A 9 -14.55 0.42 -19.05
N CYS A 10 -13.78 -0.04 -20.05
CA CYS A 10 -12.48 0.57 -20.31
C CYS A 10 -12.73 1.81 -21.15
N VAL A 11 -12.40 2.96 -20.59
CA VAL A 11 -12.73 4.22 -21.24
C VAL A 11 -11.53 4.91 -21.84
N ASN A 12 -10.30 4.50 -21.44
CA ASN A 12 -9.10 5.12 -21.98
C ASN A 12 -7.85 4.37 -21.62
N SER A 13 -6.78 4.66 -22.38
CA SER A 13 -5.45 4.14 -22.12
C SER A 13 -4.44 5.05 -22.75
N LEU A 14 -3.23 5.04 -22.22
CA LEU A 14 -2.12 5.79 -22.80
C LEU A 14 -0.81 5.12 -22.47
N LYS A 15 0.24 5.47 -23.24
CA LYS A 15 1.60 5.00 -23.00
C LYS A 15 2.45 6.24 -22.70
N GLU A 16 3.27 6.17 -21.63
CA GLU A 16 4.13 7.30 -21.26
C GLU A 16 5.28 7.40 -22.25
N ASP A 17 5.65 8.65 -22.64
CA ASP A 17 6.69 9.04 -23.59
C ASP A 17 8.00 8.21 -23.53
N HIS A 18 8.58 8.08 -22.32
CA HIS A 18 9.85 7.41 -22.03
C HIS A 18 9.86 5.90 -22.32
N ASN A 19 8.67 5.25 -22.33
CA ASN A 19 8.46 3.81 -22.59
C ASN A 19 9.08 2.89 -21.51
N GLN A 20 9.49 3.45 -20.35
CA GLN A 20 10.03 2.58 -19.30
C GLN A 20 8.88 2.00 -18.49
N PRO A 21 9.04 0.79 -17.94
CA PRO A 21 7.94 0.17 -17.18
C PRO A 21 7.37 1.00 -16.05
N LEU A 22 6.07 0.81 -15.77
CA LEU A 22 5.40 1.44 -14.64
C LEU A 22 5.19 0.34 -13.61
N PHE A 23 5.59 0.61 -12.36
CA PHE A 23 5.52 -0.37 -11.30
C PHE A 23 4.49 -0.07 -10.24
N GLY A 24 4.21 1.21 -10.02
CA GLY A 24 3.27 1.62 -8.99
C GLY A 24 2.30 2.67 -9.46
N VAL A 25 1.14 2.70 -8.81
CA VAL A 25 0.07 3.67 -9.05
C VAL A 25 -0.69 3.86 -7.74
N GLN A 26 -1.01 5.13 -7.41
CA GLN A 26 -1.81 5.51 -6.25
C GLN A 26 -2.70 6.71 -6.53
N PHE A 27 -4.00 6.57 -6.31
CA PHE A 27 -4.89 7.71 -6.31
C PHE A 27 -4.66 8.46 -4.98
N ASN A 28 -4.79 9.78 -4.98
CA ASN A 28 -4.70 10.60 -3.77
C ASN A 28 -6.05 10.53 -3.10
N TRP A 29 -6.17 9.73 -2.03
CA TRP A 29 -7.42 9.61 -1.27
C TRP A 29 -7.60 10.78 -0.27
N HIS A 30 -6.65 11.74 -0.22
CA HIS A 30 -6.77 12.88 0.69
C HIS A 30 -7.59 14.04 0.14
N SER A 31 -7.73 14.13 -1.20
CA SER A 31 -8.49 15.19 -1.89
C SER A 31 -9.95 15.20 -1.44
N LYS A 32 -10.48 16.41 -1.25
CA LYS A 32 -11.82 16.65 -0.78
C LYS A 32 -12.82 16.57 -1.93
N GLU A 33 -14.12 16.54 -1.61
CA GLU A 33 -15.18 16.56 -2.62
C GLU A 33 -15.17 17.93 -3.31
N GLY A 34 -15.28 17.90 -4.64
CA GLY A 34 -15.22 19.09 -5.48
C GLY A 34 -13.88 19.23 -6.19
N ASP A 35 -12.83 18.61 -5.63
CA ASP A 35 -11.50 18.61 -6.20
C ASP A 35 -11.40 17.49 -7.23
N PRO A 36 -10.63 17.69 -8.32
CA PRO A 36 -10.52 16.60 -9.33
C PRO A 36 -9.76 15.37 -8.80
N LEU A 37 -10.10 14.17 -9.32
CA LEU A 37 -9.45 12.92 -8.91
C LEU A 37 -8.04 12.84 -9.53
N VAL A 38 -7.04 12.72 -8.67
CA VAL A 38 -5.64 12.72 -9.10
C VAL A 38 -4.95 11.40 -8.73
N PHE A 39 -4.11 10.89 -9.64
CA PHE A 39 -3.28 9.71 -9.34
C PHE A 39 -1.86 9.95 -9.77
N ALA A 40 -0.94 9.26 -9.11
CA ALA A 40 0.50 9.32 -9.39
C ALA A 40 0.92 7.95 -9.87
N THR A 41 1.89 7.90 -10.79
CA THR A 41 2.51 6.67 -11.33
C THR A 41 4.00 6.75 -11.08
N VAL A 42 4.63 5.60 -10.87
CA VAL A 42 6.07 5.48 -10.61
C VAL A 42 6.63 4.34 -11.44
N GLY A 43 7.80 4.57 -11.99
CA GLY A 43 8.51 3.61 -12.82
C GLY A 43 9.82 4.24 -13.26
N SER A 44 10.91 3.45 -13.31
CA SER A 44 12.24 3.97 -13.67
C SER A 44 12.59 5.15 -12.73
N ASN A 45 13.18 6.25 -13.25
CA ASN A 45 13.50 7.40 -12.41
C ASN A 45 12.43 8.48 -12.49
N ARG A 46 11.19 8.08 -12.82
CA ARG A 46 10.10 9.03 -13.01
C ARG A 46 8.91 8.84 -12.08
N VAL A 47 8.31 9.96 -11.69
CA VAL A 47 7.04 10.04 -10.93
C VAL A 47 6.18 10.94 -11.79
N THR A 48 4.96 10.49 -12.15
CA THR A 48 4.09 11.27 -13.00
C THR A 48 2.69 11.44 -12.39
N LEU A 49 2.15 12.66 -12.45
CA LEU A 49 0.84 13.00 -11.94
C LEU A 49 -0.20 13.18 -13.06
N TYR A 50 -1.40 12.63 -12.85
CA TYR A 50 -2.51 12.68 -13.80
C TYR A 50 -3.80 13.03 -13.08
N GLU A 51 -4.69 13.69 -13.80
CA GLU A 51 -6.00 14.09 -13.33
C GLU A 51 -7.05 13.41 -14.21
N CYS A 52 -8.07 12.81 -13.61
CA CYS A 52 -9.18 12.16 -14.30
C CYS A 52 -10.31 13.13 -14.58
N HIS A 53 -10.71 13.25 -15.85
CA HIS A 53 -11.82 14.11 -16.22
C HIS A 53 -12.94 13.31 -16.91
N SER A 54 -14.10 13.96 -17.18
CA SER A 54 -15.25 13.30 -17.80
C SER A 54 -14.87 12.73 -19.19
N GLN A 55 -15.67 11.77 -19.69
CA GLN A 55 -15.46 11.09 -20.99
C GLN A 55 -14.11 10.37 -21.04
N GLY A 56 -13.73 9.79 -19.91
CA GLY A 56 -12.50 9.01 -19.74
C GLY A 56 -11.21 9.76 -19.89
N GLU A 57 -11.26 11.10 -19.94
CA GLU A 57 -10.04 11.90 -20.12
C GLU A 57 -9.02 11.66 -18.99
N ILE A 58 -7.78 11.36 -19.37
CA ILE A 58 -6.65 11.22 -18.44
C ILE A 58 -5.72 12.37 -18.83
N ARG A 59 -5.67 13.39 -17.97
CA ARG A 59 -4.91 14.61 -18.21
C ARG A 59 -3.56 14.56 -17.49
N LEU A 60 -2.47 14.62 -18.27
CA LEU A 60 -1.10 14.66 -17.73
C LEU A 60 -0.86 16.02 -17.04
N LEU A 61 -0.42 16.03 -15.78
CA LEU A 61 -0.17 17.30 -15.08
C LEU A 61 1.30 17.66 -15.25
N GLN A 62 2.19 16.95 -14.54
CA GLN A 62 3.64 17.09 -14.64
C GLN A 62 4.36 15.88 -14.08
N SER A 63 5.65 15.78 -14.36
CA SER A 63 6.48 14.69 -13.89
C SER A 63 7.71 15.15 -13.15
N TYR A 64 8.14 14.35 -12.20
CA TYR A 64 9.36 14.54 -11.45
C TYR A 64 10.32 13.57 -12.10
N VAL A 65 11.51 14.04 -12.47
CA VAL A 65 12.53 13.19 -13.06
C VAL A 65 13.74 13.27 -12.13
N ASP A 66 14.20 12.10 -11.66
CA ASP A 66 15.35 12.03 -10.76
C ASP A 66 16.64 12.24 -11.55
N ALA A 67 17.58 13.07 -11.02
CA ALA A 67 18.88 13.34 -11.64
C ALA A 67 19.68 12.05 -11.82
N ASP A 68 19.42 11.06 -10.96
CA ASP A 68 20.04 9.75 -11.05
C ASP A 68 19.24 8.92 -12.08
N ALA A 69 19.79 8.76 -13.29
CA ALA A 69 19.16 7.97 -14.35
C ALA A 69 19.04 6.49 -13.97
N ASP A 70 19.83 6.05 -12.97
CA ASP A 70 19.83 4.66 -12.50
C ASP A 70 18.86 4.41 -11.32
N GLU A 71 18.15 5.47 -10.85
CA GLU A 71 17.15 5.29 -9.78
C GLU A 71 15.94 4.55 -10.37
N ASN A 72 15.39 3.58 -9.61
CA ASN A 72 14.19 2.87 -10.06
C ASN A 72 13.14 2.93 -8.96
N PHE A 73 12.12 3.79 -9.14
CA PHE A 73 11.07 3.96 -8.13
C PHE A 73 10.13 2.78 -8.18
N TYR A 74 9.89 2.16 -7.02
CA TYR A 74 8.99 0.98 -6.96
C TYR A 74 7.70 1.28 -6.24
N THR A 75 7.65 2.40 -5.47
CA THR A 75 6.52 2.71 -4.62
C THR A 75 6.31 4.21 -4.44
N CYS A 76 5.06 4.59 -4.14
CA CYS A 76 4.70 5.96 -3.80
C CYS A 76 3.56 5.92 -2.83
N ALA A 77 3.39 6.96 -2.02
CA ALA A 77 2.32 7.04 -1.02
C ALA A 77 1.96 8.49 -0.78
N TRP A 78 0.67 8.79 -0.68
CA TRP A 78 0.16 10.16 -0.46
C TRP A 78 -0.01 10.45 1.03
N THR A 79 0.19 11.69 1.38
CA THR A 79 -0.11 12.25 2.69
C THR A 79 -0.48 13.74 2.51
N TYR A 80 -0.53 14.47 3.59
CA TYR A 80 -0.76 15.92 3.58
C TYR A 80 0.05 16.52 4.71
N ASP A 81 0.41 17.79 4.54
CA ASP A 81 1.16 18.58 5.50
C ASP A 81 0.10 19.05 6.50
N SER A 82 0.17 18.58 7.76
CA SER A 82 -0.82 18.95 8.79
C SER A 82 -0.87 20.47 9.10
N ASN A 83 0.21 21.21 8.81
CA ASN A 83 0.26 22.65 9.08
C ASN A 83 -0.32 23.51 7.96
N THR A 84 -0.09 23.10 6.69
CA THR A 84 -0.51 23.87 5.52
C THR A 84 -1.75 23.30 4.82
N SER A 85 -2.11 22.01 5.08
CA SER A 85 -3.23 21.28 4.47
C SER A 85 -2.93 20.89 3.02
N HIS A 86 -1.72 21.19 2.55
CA HIS A 86 -1.28 20.89 1.20
C HIS A 86 -0.93 19.39 1.04
N PRO A 87 -1.19 18.78 -0.14
CA PRO A 87 -0.89 17.36 -0.29
C PRO A 87 0.60 17.13 -0.44
N LEU A 88 1.03 15.91 -0.08
CA LEU A 88 2.44 15.50 -0.20
C LEU A 88 2.52 14.11 -0.80
N LEU A 89 3.63 13.82 -1.46
CA LEU A 89 3.82 12.50 -2.07
C LEU A 89 5.19 11.93 -1.74
N ALA A 90 5.22 10.74 -1.13
CA ALA A 90 6.52 10.10 -0.85
C ALA A 90 6.79 9.04 -1.91
N VAL A 91 8.04 8.96 -2.37
CA VAL A 91 8.49 8.00 -3.40
CA VAL A 91 8.46 8.01 -3.40
C VAL A 91 9.80 7.39 -2.97
N ALA A 92 10.08 6.13 -3.40
CA ALA A 92 11.31 5.40 -3.08
C ALA A 92 11.48 4.17 -3.98
N GLY A 93 12.69 3.65 -4.01
CA GLY A 93 12.98 2.46 -4.77
C GLY A 93 14.38 1.92 -4.59
N SER A 94 15.01 1.55 -5.70
CA SER A 94 16.32 0.89 -5.79
C SER A 94 17.46 1.57 -5.02
N ARG A 95 17.53 2.91 -5.05
CA ARG A 95 18.61 3.63 -4.35
C ARG A 95 18.44 3.65 -2.82
N GLY A 96 17.26 3.26 -2.34
CA GLY A 96 17.00 3.27 -0.90
C GLY A 96 16.89 4.65 -0.30
N ILE A 97 16.52 5.66 -1.13
CA ILE A 97 16.35 7.05 -0.72
C ILE A 97 14.86 7.42 -0.75
N ILE A 98 14.34 7.96 0.36
CA ILE A 98 12.93 8.39 0.46
C ILE A 98 12.82 9.85 0.05
N ARG A 99 12.09 10.14 -1.02
CA ARG A 99 11.90 11.54 -1.44
C ARG A 99 10.50 12.01 -1.12
N ILE A 100 10.40 13.20 -0.51
CA ILE A 100 9.12 13.86 -0.25
C ILE A 100 8.97 14.90 -1.35
N ILE A 101 7.99 14.66 -2.23
CA ILE A 101 7.67 15.50 -3.38
C ILE A 101 6.47 16.42 -3.07
N ASN A 102 6.58 17.69 -3.44
CA ASN A 102 5.46 18.63 -3.36
C ASN A 102 4.72 18.36 -4.70
N PRO A 103 3.50 17.78 -4.71
CA PRO A 103 2.86 17.47 -6.01
C PRO A 103 2.37 18.68 -6.81
N ILE A 104 2.28 19.86 -6.19
CA ILE A 104 1.85 21.10 -6.88
C ILE A 104 2.91 21.52 -7.90
N THR A 105 4.19 21.39 -7.54
CA THR A 105 5.31 21.79 -8.39
C THR A 105 6.11 20.60 -8.90
N MET A 106 5.83 19.40 -8.34
CA MET A 106 6.53 18.14 -8.62
C MET A 106 8.04 18.29 -8.41
N GLN A 107 8.44 18.89 -7.27
CA GLN A 107 9.85 19.04 -6.91
C GLN A 107 10.07 18.28 -5.62
N CYS A 108 11.29 17.77 -5.43
CA CYS A 108 11.64 17.12 -4.19
C CYS A 108 11.95 18.19 -3.15
N ILE A 109 11.15 18.24 -2.09
CA ILE A 109 11.36 19.24 -1.04
C ILE A 109 12.40 18.77 -0.04
N LYS A 110 12.40 17.46 0.27
CA LYS A 110 13.36 16.84 1.18
C LYS A 110 13.51 15.34 0.93
N HIS A 111 14.64 14.77 1.38
CA HIS A 111 14.92 13.35 1.23
C HIS A 111 15.58 12.75 2.46
N TYR A 112 15.37 11.43 2.66
CA TYR A 112 15.94 10.69 3.78
C TYR A 112 16.75 9.54 3.21
N VAL A 113 18.00 9.37 3.69
CA VAL A 113 18.81 8.23 3.27
C VAL A 113 18.23 7.11 4.12
N GLY A 114 17.16 6.53 3.56
CA GLY A 114 16.27 5.55 4.16
C GLY A 114 16.91 4.30 4.70
N HIS A 115 17.53 3.52 3.81
CA HIS A 115 18.10 2.23 4.15
C HIS A 115 19.46 1.96 3.47
N GLY A 116 20.08 0.85 3.84
CA GLY A 116 21.34 0.37 3.24
C GLY A 116 21.12 -0.45 1.98
N ASN A 117 19.86 -0.46 1.48
CA ASN A 117 19.44 -1.19 0.29
C ASN A 117 18.07 -0.64 -0.19
N ALA A 118 17.61 -1.16 -1.33
CA ALA A 118 16.36 -0.75 -1.98
C ALA A 118 15.13 -0.75 -1.08
N ILE A 119 14.20 0.17 -1.34
CA ILE A 119 12.91 0.24 -0.63
C ILE A 119 11.83 -0.34 -1.57
N ASN A 120 11.11 -1.39 -1.08
CA ASN A 120 10.04 -2.05 -1.84
C ASN A 120 8.66 -1.40 -1.64
N GLU A 121 8.42 -0.80 -0.49
CA GLU A 121 7.14 -0.19 -0.16
C GLU A 121 7.22 0.93 0.87
N LEU A 122 6.31 1.91 0.72
CA LEU A 122 6.07 3.05 1.60
C LEU A 122 4.58 3.06 1.92
N LYS A 123 4.21 3.34 3.17
CA LYS A 123 2.82 3.45 3.62
C LYS A 123 2.75 4.52 4.68
N PHE A 124 1.73 5.39 4.59
CA PHE A 124 1.50 6.40 5.62
C PHE A 124 0.49 5.86 6.59
N HIS A 125 0.66 6.18 7.87
CA HIS A 125 -0.24 5.82 8.96
C HIS A 125 -1.63 6.42 8.66
N PRO A 126 -2.73 5.68 8.89
CA PRO A 126 -4.06 6.19 8.52
C PRO A 126 -4.64 7.34 9.36
N ARG A 127 -4.08 7.60 10.56
CA ARG A 127 -4.56 8.65 11.46
C ARG A 127 -3.55 9.78 11.60
N ASP A 128 -2.25 9.46 11.53
CA ASP A 128 -1.17 10.43 11.65
C ASP A 128 -0.44 10.56 10.31
N PRO A 129 -0.67 11.71 9.63
CA PRO A 129 -0.09 11.93 8.30
C PRO A 129 1.43 12.08 8.27
N ASN A 130 2.06 12.29 9.43
CA ASN A 130 3.52 12.42 9.51
C ASN A 130 4.25 11.07 9.67
N LEU A 131 3.50 10.00 9.97
CA LEU A 131 4.14 8.69 10.20
C LEU A 131 4.25 7.85 8.93
N LEU A 132 5.49 7.77 8.38
CA LEU A 132 5.81 7.04 7.15
C LEU A 132 6.54 5.74 7.44
N LEU A 133 6.02 4.62 6.92
CA LEU A 133 6.64 3.31 7.12
C LEU A 133 7.36 2.90 5.84
N SER A 134 8.65 2.52 5.92
CA SER A 134 9.38 2.06 4.74
C SER A 134 9.81 0.62 4.97
N VAL A 135 9.81 -0.20 3.90
CA VAL A 135 10.16 -1.63 3.98
C VAL A 135 11.25 -1.90 2.96
N SER A 136 12.32 -2.54 3.42
CA SER A 136 13.54 -2.64 2.65
C SER A 136 14.15 -4.02 2.45
N LYS A 137 14.97 -4.11 1.40
CA LYS A 137 15.77 -5.30 1.05
C LYS A 137 16.83 -5.54 2.15
N ASP A 138 17.07 -4.55 3.05
CA ASP A 138 18.05 -4.70 4.15
C ASP A 138 17.52 -5.57 5.31
N HIS A 139 16.31 -6.17 5.14
CA HIS A 139 15.62 -7.06 6.10
C HIS A 139 14.85 -6.30 7.19
N ALA A 140 14.82 -4.97 7.11
CA ALA A 140 14.15 -4.18 8.12
C ALA A 140 13.00 -3.31 7.58
N LEU A 141 12.17 -2.85 8.52
CA LEU A 141 11.14 -1.85 8.30
C LEU A 141 11.58 -0.64 9.14
N ARG A 142 11.29 0.57 8.65
CA ARG A 142 11.61 1.79 9.40
C ARG A 142 10.39 2.68 9.48
N LEU A 143 10.15 3.25 10.66
CA LEU A 143 9.06 4.19 10.90
C LEU A 143 9.67 5.59 11.07
N TRP A 144 9.27 6.53 10.21
CA TRP A 144 9.77 7.90 10.19
C TRP A 144 8.68 8.88 10.59
N ASN A 145 9.08 10.00 11.21
CA ASN A 145 8.22 11.13 11.55
C ASN A 145 8.73 12.23 10.59
N ILE A 146 7.96 12.54 9.53
CA ILE A 146 8.38 13.51 8.52
C ILE A 146 8.17 14.96 8.96
N GLN A 147 7.50 15.20 10.09
CA GLN A 147 7.37 16.56 10.63
C GLN A 147 8.70 16.97 11.33
N THR A 148 9.29 16.06 12.13
CA THR A 148 10.53 16.34 12.85
C THR A 148 11.77 15.72 12.19
N ASP A 149 11.61 15.04 11.02
CA ASP A 149 12.71 14.42 10.27
C ASP A 149 13.44 13.43 11.17
N THR A 150 12.68 12.60 11.88
CA THR A 150 13.26 11.63 12.79
C THR A 150 12.94 10.20 12.39
N LEU A 151 13.89 9.30 12.70
CA LEU A 151 13.70 7.88 12.54
C LEU A 151 13.18 7.42 13.90
N VAL A 152 11.87 7.12 13.98
CA VAL A 152 11.21 6.69 15.22
C VAL A 152 11.67 5.29 15.65
N ALA A 153 11.61 4.34 14.71
CA ALA A 153 11.92 2.95 15.04
C ALA A 153 12.39 2.15 13.84
N ILE A 154 13.16 1.09 14.13
CA ILE A 154 13.65 0.10 13.16
C ILE A 154 13.09 -1.24 13.66
N PHE A 155 12.31 -1.91 12.81
CA PHE A 155 11.71 -3.22 13.11
C PHE A 155 12.57 -4.25 12.37
N GLY A 156 13.45 -4.88 13.12
CA GLY A 156 14.40 -5.87 12.61
C GLY A 156 15.45 -6.21 13.63
N GLY A 157 16.22 -7.26 13.32
CA GLY A 157 17.29 -7.75 14.17
C GLY A 157 17.08 -9.20 14.54
N VAL A 158 17.25 -9.51 15.85
CA VAL A 158 17.25 -10.87 16.41
C VAL A 158 16.11 -11.75 15.88
N GLU A 159 14.86 -11.28 16.00
CA GLU A 159 13.73 -12.05 15.47
C GLU A 159 13.00 -11.27 14.33
N GLY A 160 13.71 -10.37 13.69
CA GLY A 160 13.17 -9.63 12.56
C GLY A 160 13.22 -10.50 11.33
N HIS A 161 12.84 -9.97 10.15
CA HIS A 161 12.93 -10.75 8.90
C HIS A 161 14.38 -11.21 8.61
N ARG A 162 14.54 -12.44 8.08
CA ARG A 162 15.85 -13.06 7.77
C ARG A 162 16.26 -12.88 6.31
N ASP A 163 15.43 -12.14 5.55
CA ASP A 163 15.65 -11.87 4.15
C ASP A 163 14.89 -10.57 3.78
N GLU A 164 14.95 -10.16 2.52
CA GLU A 164 14.36 -8.91 2.00
C GLU A 164 12.89 -8.79 2.37
N VAL A 165 12.48 -7.61 2.90
CA VAL A 165 11.08 -7.35 3.25
C VAL A 165 10.46 -6.81 1.97
N LEU A 166 9.34 -7.37 1.53
CA LEU A 166 8.71 -7.02 0.25
C LEU A 166 7.47 -6.16 0.40
N SER A 167 6.78 -6.28 1.55
CA SER A 167 5.54 -5.54 1.74
C SER A 167 5.21 -5.41 3.22
N ALA A 168 4.34 -4.44 3.53
CA ALA A 168 3.75 -4.18 4.83
C ALA A 168 2.49 -3.35 4.72
N ASP A 169 1.68 -3.35 5.80
CA ASP A 169 0.41 -2.64 5.86
C ASP A 169 0.04 -2.36 7.28
N TYR A 170 -0.50 -1.16 7.53
CA TYR A 170 -1.06 -0.79 8.81
C TYR A 170 -2.49 -1.33 8.78
N ASP A 171 -3.05 -1.66 9.95
CA ASP A 171 -4.48 -2.02 10.02
C ASP A 171 -5.28 -0.69 9.91
N LEU A 172 -6.61 -0.75 9.87
CA LEU A 172 -7.42 0.45 9.62
C LEU A 172 -7.22 1.59 10.62
N LEU A 173 -7.11 1.30 11.94
CA LEU A 173 -6.93 2.38 12.89
C LEU A 173 -5.46 2.73 13.19
N GLY A 174 -4.53 2.06 12.51
CA GLY A 174 -3.09 2.29 12.68
C GLY A 174 -2.54 1.91 14.05
N GLU A 175 -2.96 0.75 14.58
CA GLU A 175 -2.47 0.23 15.88
C GLU A 175 -1.38 -0.84 15.67
N LYS A 176 -1.28 -1.42 14.46
CA LYS A 176 -0.36 -2.50 14.18
C LYS A 176 -0.05 -2.61 12.70
N ILE A 177 1.12 -3.20 12.43
CA ILE A 177 1.67 -3.44 11.10
C ILE A 177 1.88 -4.94 10.90
N MET A 178 1.53 -5.46 9.70
CA MET A 178 1.86 -6.81 9.30
C MET A 178 2.85 -6.65 8.15
N SER A 179 4.03 -7.27 8.25
CA SER A 179 5.07 -7.25 7.22
C SER A 179 5.26 -8.64 6.62
N CYS A 180 5.91 -8.73 5.43
CA CYS A 180 6.17 -10.03 4.80
C CYS A 180 7.37 -9.94 3.87
N GLY A 181 8.00 -11.09 3.60
CA GLY A 181 9.14 -11.06 2.69
C GLY A 181 9.65 -12.37 2.13
N MET A 182 10.90 -12.32 1.67
CA MET A 182 11.59 -13.42 1.02
C MET A 182 11.87 -14.59 1.94
N ASP A 183 11.74 -14.39 3.26
CA ASP A 183 11.96 -15.48 4.21
C ASP A 183 10.68 -16.31 4.40
N HIS A 184 9.63 -16.04 3.56
CA HIS A 184 8.31 -16.71 3.59
C HIS A 184 7.51 -16.33 4.85
N SER A 185 8.02 -15.43 5.70
CA SER A 185 7.29 -15.13 6.93
C SER A 185 6.44 -13.89 6.87
N LEU A 186 5.41 -13.89 7.72
CA LEU A 186 4.55 -12.74 7.92
C LEU A 186 4.70 -12.42 9.41
N LYS A 187 5.05 -11.17 9.72
CA LYS A 187 5.31 -10.76 11.10
C LYS A 187 4.43 -9.60 11.52
N LEU A 188 3.94 -9.66 12.75
CA LEU A 188 3.10 -8.63 13.33
C LEU A 188 3.89 -7.72 14.26
N TRP A 189 3.77 -6.40 14.08
CA TRP A 189 4.44 -5.42 14.92
C TRP A 189 3.41 -4.44 15.45
N ARG A 190 3.18 -4.47 16.77
CA ARG A 190 2.19 -3.55 17.37
C ARG A 190 2.82 -2.18 17.58
N ILE A 191 2.09 -1.13 17.19
CA ILE A 191 2.63 0.22 17.37
C ILE A 191 1.80 0.99 18.40
N ASN A 192 0.79 0.31 18.97
CA ASN A 192 -0.06 0.83 20.05
C ASN A 192 0.48 0.27 21.39
N SER A 193 1.71 -0.31 21.40
CA SER A 193 2.31 -0.78 22.66
C SER A 193 2.72 0.47 23.43
N LYS A 194 2.88 0.37 24.76
CA LYS A 194 3.26 1.56 25.52
C LYS A 194 4.62 2.08 25.06
N ARG A 195 5.54 1.15 24.70
CA ARG A 195 6.88 1.48 24.23
C ARG A 195 6.83 2.30 22.95
N MET A 196 6.04 1.84 21.97
CA MET A 196 5.95 2.49 20.66
C MET A 196 5.17 3.81 20.71
N MET A 197 4.07 3.88 21.50
CA MET A 197 3.30 5.14 21.64
C MET A 197 4.18 6.24 22.27
N ASN A 198 4.98 5.85 23.28
CA ASN A 198 5.92 6.77 23.91
C ASN A 198 7.02 7.19 22.92
N ALA A 199 7.57 6.23 22.12
CA ALA A 199 8.60 6.59 21.12
C ALA A 199 8.04 7.59 20.04
N ILE A 200 6.79 7.41 19.63
CA ILE A 200 6.15 8.33 18.67
C ILE A 200 6.00 9.73 19.33
N LYS A 201 5.50 9.77 20.59
CA LYS A 201 5.38 11.04 21.35
C LYS A 201 6.74 11.73 21.45
N GLU A 202 7.81 10.98 21.78
CA GLU A 202 9.17 11.52 21.88
C GLU A 202 9.69 12.09 20.58
N SER A 203 9.37 11.47 19.41
CA SER A 203 9.83 11.97 18.11
C SER A 203 9.24 13.36 17.82
N TYR A 204 8.05 13.64 18.36
CA TYR A 204 7.38 14.93 18.25
C TYR A 204 8.04 15.98 19.17
N ASP A 205 8.48 15.57 20.37
CA ASP A 205 9.18 16.45 21.33
C ASP A 205 10.56 16.85 20.83
N TYR A 206 11.16 16.03 19.93
CA TYR A 206 12.50 16.31 19.39
C TYR A 206 12.59 17.60 18.57
N ASN A 207 13.67 18.34 18.79
CA ASN A 207 14.00 19.59 18.10
C ASN A 207 15.53 19.76 18.06
N PRO A 208 16.14 19.96 16.87
CA PRO A 208 17.61 20.09 16.79
C PRO A 208 18.19 21.28 17.57
N PRO A 214 21.45 13.88 18.48
CA PRO A 214 20.59 13.27 17.47
C PRO A 214 19.50 12.42 18.13
N PHE A 215 18.33 12.30 17.46
CA PHE A 215 17.25 11.48 18.02
C PHE A 215 17.66 10.01 18.07
N ILE A 216 17.38 9.37 19.21
CA ILE A 216 17.67 7.94 19.43
C ILE A 216 16.47 7.12 18.98
N SER A 217 16.61 6.42 17.87
CA SER A 217 15.57 5.54 17.32
C SER A 217 15.41 4.25 18.18
N GLN A 218 14.18 3.76 18.32
CA GLN A 218 13.93 2.50 19.01
C GLN A 218 14.36 1.35 18.10
N LYS A 219 14.98 0.30 18.65
CA LYS A 219 15.36 -0.89 17.87
C LYS A 219 14.48 -2.03 18.35
N ILE A 220 13.40 -2.33 17.58
CA ILE A 220 12.43 -3.36 17.91
C ILE A 220 12.89 -4.67 17.25
N HIS A 221 13.60 -5.52 18.02
CA HIS A 221 14.16 -6.80 17.56
C HIS A 221 13.16 -7.95 17.54
N PHE A 222 11.99 -7.79 18.20
CA PHE A 222 11.04 -8.87 18.37
C PHE A 222 9.61 -8.50 17.99
N PRO A 223 9.03 -9.24 17.01
CA PRO A 223 7.64 -8.99 16.62
C PRO A 223 6.66 -9.56 17.65
N ASP A 224 5.41 -9.15 17.54
CA ASP A 224 4.29 -9.59 18.37
C ASP A 224 3.64 -10.89 17.89
N PHE A 225 4.02 -11.37 16.71
CA PHE A 225 3.54 -12.63 16.14
C PHE A 225 4.37 -12.90 14.90
N SER A 226 4.60 -14.20 14.62
CA SER A 226 5.35 -14.61 13.43
C SER A 226 4.86 -15.95 12.89
N THR A 227 4.73 -16.05 11.56
CA THR A 227 4.33 -17.30 10.89
C THR A 227 5.06 -17.51 9.59
N ARG A 228 5.42 -18.75 9.32
CA ARG A 228 6.01 -19.20 8.06
C ARG A 228 5.09 -20.29 7.50
N ASP A 229 3.88 -20.42 8.08
CA ASP A 229 2.93 -21.48 7.72
C ASP A 229 1.76 -21.07 6.84
N ILE A 230 1.86 -19.95 6.08
CA ILE A 230 0.78 -19.57 5.18
C ILE A 230 1.18 -19.92 3.74
N HIS A 231 2.37 -19.43 3.31
CA HIS A 231 2.95 -19.62 1.98
C HIS A 231 4.26 -20.41 2.10
N ARG A 232 4.63 -21.15 1.05
CA ARG A 232 5.85 -21.95 1.04
C ARG A 232 6.93 -21.28 0.20
N ASN A 233 6.72 -20.00 -0.16
CA ASN A 233 7.69 -19.27 -0.97
C ASN A 233 7.59 -17.78 -0.60
N TYR A 234 8.35 -16.88 -1.27
CA TYR A 234 8.33 -15.45 -0.96
C TYR A 234 6.91 -14.88 -0.84
N VAL A 235 6.67 -13.96 0.09
CA VAL A 235 5.37 -13.29 0.25
C VAL A 235 5.57 -11.87 -0.27
N ASP A 236 5.02 -11.51 -1.45
CA ASP A 236 5.32 -10.18 -2.01
C ASP A 236 4.22 -9.11 -1.81
N CYS A 237 3.10 -9.46 -1.16
CA CYS A 237 2.05 -8.47 -0.96
C CYS A 237 1.21 -8.89 0.21
N VAL A 238 1.01 -7.95 1.15
CA VAL A 238 0.18 -8.15 2.36
C VAL A 238 -0.71 -6.94 2.61
N ARG A 239 -1.98 -7.19 2.99
CA ARG A 239 -2.94 -6.14 3.39
C ARG A 239 -3.86 -6.68 4.47
N TRP A 240 -4.20 -5.83 5.46
CA TRP A 240 -5.19 -6.18 6.45
C TRP A 240 -6.57 -6.12 5.81
N LEU A 241 -7.47 -6.99 6.23
CA LEU A 241 -8.87 -6.97 5.84
C LEU A 241 -9.59 -7.06 7.21
N GLY A 242 -9.76 -5.88 7.85
CA GLY A 242 -10.27 -5.78 9.21
C GLY A 242 -9.25 -6.41 10.16
N ASP A 243 -9.63 -7.48 10.89
CA ASP A 243 -8.75 -8.23 11.80
C ASP A 243 -8.12 -9.45 11.04
N LEU A 244 -8.56 -9.69 9.79
CA LEU A 244 -8.00 -10.79 8.98
C LEU A 244 -6.88 -10.26 8.09
N ILE A 245 -6.09 -11.17 7.50
CA ILE A 245 -5.00 -10.79 6.63
C ILE A 245 -5.19 -11.40 5.24
N LEU A 246 -4.84 -10.63 4.21
CA LEU A 246 -4.78 -11.08 2.82
C LEU A 246 -3.32 -11.02 2.42
N SER A 247 -2.76 -12.16 1.91
CA SER A 247 -1.38 -12.18 1.46
C SER A 247 -1.18 -13.11 0.28
N LYS A 248 -0.20 -12.79 -0.56
CA LYS A 248 0.03 -13.67 -1.71
C LYS A 248 1.48 -14.03 -1.91
N SER A 249 1.69 -15.16 -2.59
CA SER A 249 2.99 -15.65 -2.99
C SER A 249 2.90 -15.87 -4.52
N CYS A 250 3.60 -16.87 -5.06
CA CYS A 250 3.61 -17.18 -6.49
C CYS A 250 2.66 -18.33 -6.87
N GLU A 251 1.73 -18.73 -5.95
CA GLU A 251 0.87 -19.87 -6.20
C GLU A 251 -0.51 -19.51 -6.83
N ASN A 252 -0.64 -18.31 -7.46
CA ASN A 252 -1.88 -17.89 -8.12
C ASN A 252 -3.09 -17.89 -7.19
N ALA A 253 -2.85 -17.47 -5.93
CA ALA A 253 -3.94 -17.32 -4.97
C ALA A 253 -3.58 -16.26 -3.95
N ILE A 254 -4.59 -15.53 -3.50
CA ILE A 254 -4.47 -14.60 -2.37
C ILE A 254 -5.09 -15.37 -1.21
N VAL A 255 -4.34 -15.58 -0.13
CA VAL A 255 -4.80 -16.36 1.01
C VAL A 255 -5.36 -15.42 2.10
N CYS A 256 -6.59 -15.70 2.56
CA CYS A 256 -7.22 -15.00 3.66
C CYS A 256 -6.98 -15.83 4.90
N TRP A 257 -6.34 -15.22 5.91
CA TRP A 257 -5.97 -15.92 7.14
C TRP A 257 -5.95 -15.00 8.37
N LYS A 258 -5.74 -15.61 9.55
CA LYS A 258 -5.60 -14.92 10.84
C LYS A 258 -4.64 -15.61 11.80
N PRO A 259 -3.90 -14.86 12.64
CA PRO A 259 -3.07 -15.51 13.67
C PRO A 259 -3.98 -16.24 14.67
N GLY A 260 -3.44 -17.29 15.27
CA GLY A 260 -4.10 -18.14 16.27
C GLY A 260 -5.16 -19.06 15.68
N LYS A 261 -6.05 -19.56 16.55
CA LYS A 261 -7.16 -20.44 16.20
C LYS A 261 -8.36 -19.59 15.75
N MET A 262 -9.35 -20.24 15.14
CA MET A 262 -10.57 -19.63 14.58
C MET A 262 -11.22 -18.53 15.45
N GLU A 263 -11.37 -18.81 16.75
CA GLU A 263 -12.02 -17.93 17.72
C GLU A 263 -11.11 -16.88 18.37
N ASP A 264 -9.76 -17.02 18.25
CA ASP A 264 -8.77 -16.12 18.86
C ASP A 264 -8.82 -14.65 18.42
N ASP A 265 -8.81 -13.76 19.41
CA ASP A 265 -8.84 -12.30 19.21
C ASP A 265 -7.43 -11.83 18.85
N ILE A 266 -7.33 -11.02 17.78
CA ILE A 266 -6.04 -10.47 17.33
C ILE A 266 -5.29 -9.73 18.47
N ASP A 267 -6.03 -9.07 19.37
CA ASP A 267 -5.42 -8.31 20.45
C ASP A 267 -5.08 -9.14 21.69
N LYS A 268 -5.46 -10.43 21.70
CA LYS A 268 -5.19 -11.38 22.80
C LYS A 268 -4.06 -12.38 22.42
N ILE A 269 -3.66 -12.39 21.12
CA ILE A 269 -2.60 -13.24 20.56
C ILE A 269 -1.28 -12.96 21.29
N LYS A 270 -0.65 -14.00 21.84
CA LYS A 270 0.62 -13.92 22.54
C LYS A 270 1.76 -13.96 21.48
N PRO A 271 2.94 -13.36 21.74
CA PRO A 271 4.03 -13.40 20.73
C PRO A 271 4.54 -14.79 20.33
N SER A 272 4.35 -15.77 21.22
CA SER A 272 4.75 -17.17 21.01
C SER A 272 3.66 -18.00 20.29
N GLU A 273 2.49 -17.40 19.97
CA GLU A 273 1.36 -18.08 19.28
C GLU A 273 1.86 -18.89 18.07
N SER A 274 1.57 -20.21 18.10
CA SER A 274 2.05 -21.15 17.08
C SER A 274 1.07 -21.43 15.96
N ASN A 275 -0.24 -21.26 16.21
CA ASN A 275 -1.27 -21.54 15.21
C ASN A 275 -1.63 -20.35 14.29
N VAL A 276 -2.16 -20.71 13.11
CA VAL A 276 -2.75 -19.84 12.09
C VAL A 276 -4.04 -20.50 11.60
N THR A 277 -5.03 -19.69 11.26
CA THR A 277 -6.30 -20.15 10.71
C THR A 277 -6.41 -19.64 9.29
N ILE A 278 -6.46 -20.55 8.31
CA ILE A 278 -6.64 -20.20 6.90
C ILE A 278 -8.14 -20.24 6.61
N LEU A 279 -8.73 -19.08 6.27
CA LEU A 279 -10.18 -18.98 5.99
C LEU A 279 -10.60 -19.21 4.53
N GLY A 280 -9.66 -19.09 3.60
CA GLY A 280 -9.97 -19.27 2.20
C GLY A 280 -8.98 -18.61 1.26
N ARG A 281 -9.18 -18.84 -0.04
CA ARG A 281 -8.32 -18.35 -1.10
C ARG A 281 -9.13 -17.71 -2.22
N PHE A 282 -8.57 -16.66 -2.82
CA PHE A 282 -9.10 -15.99 -3.99
C PHE A 282 -8.19 -16.48 -5.11
N ASP A 283 -8.68 -17.39 -5.96
CA ASP A 283 -7.92 -18.02 -7.04
C ASP A 283 -7.95 -17.26 -8.36
N TYR A 284 -6.82 -17.27 -9.07
CA TYR A 284 -6.64 -16.60 -10.35
C TYR A 284 -5.58 -17.37 -11.17
N SER A 285 -5.15 -16.83 -12.29
CA SER A 285 -4.16 -17.54 -13.10
C SER A 285 -3.18 -16.56 -13.71
N GLN A 286 -2.06 -17.08 -14.22
CA GLN A 286 -1.02 -16.33 -14.91
C GLN A 286 -0.49 -15.12 -14.12
N CYS A 287 -0.23 -15.32 -12.82
CA CYS A 287 0.34 -14.27 -11.98
C CYS A 287 1.31 -14.95 -11.01
N ASP A 288 2.33 -15.64 -11.56
CA ASP A 288 3.29 -16.36 -10.73
C ASP A 288 4.70 -15.74 -10.73
N ILE A 289 4.88 -14.58 -11.37
CA ILE A 289 6.17 -13.86 -11.32
C ILE A 289 6.16 -12.99 -10.04
N TRP A 290 7.33 -12.60 -9.56
CA TRP A 290 7.43 -11.79 -8.35
C TRP A 290 7.11 -10.33 -8.60
N TYR A 291 6.68 -9.62 -7.52
CA TYR A 291 6.38 -8.18 -7.54
C TYR A 291 5.09 -7.82 -8.28
N MET A 292 4.00 -8.47 -7.88
CA MET A 292 2.67 -8.22 -8.44
C MET A 292 1.77 -7.89 -7.25
N ARG A 293 1.24 -6.65 -7.18
CA ARG A 293 0.48 -6.21 -6.00
C ARG A 293 -1.01 -6.19 -6.21
N PHE A 294 -1.77 -6.50 -5.14
CA PHE A 294 -3.23 -6.41 -5.13
C PHE A 294 -3.62 -5.18 -4.32
N SER A 295 -4.85 -4.69 -4.51
CA SER A 295 -5.32 -3.49 -3.82
C SER A 295 -6.77 -3.65 -3.47
N MET A 296 -7.27 -2.75 -2.64
CA MET A 296 -8.68 -2.69 -2.27
C MET A 296 -9.18 -1.25 -2.39
N ASP A 297 -10.50 -1.09 -2.48
CA ASP A 297 -11.12 0.23 -2.48
C ASP A 297 -11.17 0.68 -1.01
N PHE A 298 -11.49 1.98 -0.78
CA PHE A 298 -11.52 2.57 0.56
C PHE A 298 -12.44 1.79 1.52
N TRP A 299 -13.66 1.46 1.08
CA TRP A 299 -14.62 0.73 1.92
C TRP A 299 -14.31 -0.77 2.06
N GLN A 300 -13.26 -1.26 1.35
CA GLN A 300 -12.83 -2.67 1.38
C GLN A 300 -13.99 -3.62 1.04
N LYS A 301 -14.72 -3.26 -0.03
CA LYS A 301 -15.85 -4.00 -0.62
C LYS A 301 -15.34 -4.69 -1.90
N MET A 302 -14.20 -4.17 -2.47
CA MET A 302 -13.62 -4.72 -3.68
C MET A 302 -12.14 -5.00 -3.52
N LEU A 303 -11.70 -6.11 -4.11
CA LEU A 303 -10.31 -6.59 -4.16
C LEU A 303 -9.91 -6.65 -5.63
N ALA A 304 -8.75 -6.07 -5.99
CA ALA A 304 -8.33 -6.07 -7.38
C ALA A 304 -6.89 -6.57 -7.50
N LEU A 305 -6.60 -7.29 -8.59
CA LEU A 305 -5.27 -7.80 -8.90
C LEU A 305 -5.13 -7.99 -10.41
N GLY A 306 -4.03 -7.49 -10.96
CA GLY A 306 -3.74 -7.69 -12.38
C GLY A 306 -2.83 -8.88 -12.55
N ASN A 307 -2.81 -9.48 -13.76
CA ASN A 307 -1.90 -10.61 -13.94
C ASN A 307 -0.80 -10.29 -15.00
N GLN A 308 0.05 -11.27 -15.34
CA GLN A 308 1.19 -11.08 -16.25
C GLN A 308 0.82 -10.86 -17.71
N VAL A 309 -0.43 -11.16 -18.10
CA VAL A 309 -0.89 -11.07 -19.50
C VAL A 309 -1.97 -9.97 -19.71
N GLY A 310 -2.05 -9.05 -18.75
CA GLY A 310 -2.96 -7.92 -18.80
C GLY A 310 -4.40 -8.11 -18.40
N LYS A 311 -4.76 -9.20 -17.70
CA LYS A 311 -6.15 -9.35 -17.21
C LYS A 311 -6.22 -8.70 -15.84
N LEU A 312 -7.36 -8.07 -15.54
CA LEU A 312 -7.56 -7.43 -14.24
C LEU A 312 -8.70 -8.15 -13.54
N TYR A 313 -8.41 -8.78 -12.39
CA TYR A 313 -9.43 -9.47 -11.61
C TYR A 313 -9.98 -8.54 -10.52
N VAL A 314 -11.32 -8.54 -10.35
CA VAL A 314 -12.04 -7.78 -9.31
C VAL A 314 -13.01 -8.73 -8.56
N TRP A 315 -12.80 -8.88 -7.24
CA TRP A 315 -13.68 -9.71 -6.42
C TRP A 315 -14.55 -8.84 -5.51
N ASP A 316 -15.76 -9.32 -5.26
CA ASP A 316 -16.68 -8.67 -4.33
C ASP A 316 -16.34 -9.28 -2.96
N LEU A 317 -15.83 -8.46 -2.03
CA LEU A 317 -15.46 -8.92 -0.69
C LEU A 317 -16.64 -9.11 0.30
N GLU A 318 -17.83 -8.61 -0.04
CA GLU A 318 -19.01 -8.72 0.83
C GLU A 318 -19.71 -10.09 0.72
N VAL A 319 -19.00 -11.17 1.08
CA VAL A 319 -19.49 -12.56 1.05
C VAL A 319 -19.20 -13.28 2.39
N GLU A 320 -19.15 -14.63 2.37
CA GLU A 320 -18.85 -15.47 3.55
C GLU A 320 -17.48 -16.13 3.39
N LYS A 324 -16.03 -18.78 -2.98
CA LYS A 324 -17.41 -18.48 -3.36
C LYS A 324 -17.64 -16.98 -3.69
N ALA A 325 -16.58 -16.15 -3.53
CA ALA A 325 -16.62 -14.71 -3.84
C ALA A 325 -16.70 -14.57 -5.36
N LYS A 326 -17.68 -13.76 -5.82
CA LYS A 326 -17.90 -13.52 -7.25
C LYS A 326 -16.72 -12.73 -7.80
N CYS A 327 -16.28 -13.04 -9.04
CA CYS A 327 -15.14 -12.38 -9.68
C CYS A 327 -15.43 -11.88 -11.09
N THR A 328 -15.13 -10.59 -11.33
CA THR A 328 -15.26 -9.95 -12.64
C THR A 328 -13.87 -9.94 -13.28
N THR A 329 -13.77 -10.39 -14.55
CA THR A 329 -12.49 -10.33 -15.24
C THR A 329 -12.54 -9.21 -16.27
N LEU A 330 -11.68 -8.20 -16.10
CA LEU A 330 -11.62 -7.06 -17.00
C LEU A 330 -10.50 -7.23 -18.00
N THR A 331 -10.86 -7.28 -19.29
CA THR A 331 -9.88 -7.46 -20.37
C THR A 331 -10.14 -6.51 -21.52
N HIS A 332 -9.05 -6.07 -22.17
CA HIS A 332 -9.01 -5.28 -23.39
C HIS A 332 -8.01 -5.98 -24.29
N HIS A 333 -8.39 -6.19 -25.55
CA HIS A 333 -7.54 -6.91 -26.51
C HIS A 333 -6.15 -6.27 -26.69
N LYS A 334 -5.98 -4.96 -26.43
CA LYS A 334 -4.69 -4.26 -26.55
C LYS A 334 -3.92 -4.23 -25.21
N CYS A 335 -4.50 -4.75 -24.14
CA CYS A 335 -3.83 -4.80 -22.84
C CYS A 335 -3.29 -6.21 -22.60
N GLY A 336 -2.01 -6.42 -22.92
CA GLY A 336 -1.33 -7.71 -22.82
C GLY A 336 -0.10 -7.77 -21.92
N ALA A 337 0.36 -6.62 -21.41
CA ALA A 337 1.55 -6.56 -20.55
C ALA A 337 1.20 -6.80 -19.08
N ALA A 338 2.19 -7.14 -18.25
CA ALA A 338 1.99 -7.41 -16.84
C ALA A 338 1.46 -6.17 -16.12
N ILE A 339 0.32 -6.30 -15.42
CA ILE A 339 -0.27 -5.22 -14.61
C ILE A 339 0.41 -5.35 -13.23
N ARG A 340 1.26 -4.40 -12.88
CA ARG A 340 2.04 -4.44 -11.63
C ARG A 340 1.23 -4.00 -10.40
N GLN A 341 0.38 -3.00 -10.59
CA GLN A 341 -0.42 -2.43 -9.51
C GLN A 341 -1.63 -1.72 -10.08
N THR A 342 -2.69 -1.72 -9.28
CA THR A 342 -3.97 -1.09 -9.57
C THR A 342 -4.33 -0.15 -8.43
N SER A 343 -5.19 0.87 -8.72
CA SER A 343 -5.64 1.80 -7.67
C SER A 343 -7.04 2.25 -8.00
N PHE A 344 -7.90 2.21 -6.99
CA PHE A 344 -9.26 2.74 -7.10
C PHE A 344 -9.26 4.20 -6.63
N SER A 345 -10.09 5.06 -7.27
CA SER A 345 -10.35 6.43 -6.79
C SER A 345 -11.05 6.24 -5.43
N ARG A 346 -11.06 7.26 -4.53
CA ARG A 346 -11.67 7.13 -3.22
CA ARG A 346 -11.68 7.14 -3.20
C ARG A 346 -13.14 6.71 -3.28
N ASP A 347 -13.90 7.27 -4.25
CA ASP A 347 -15.34 6.94 -4.38
C ASP A 347 -15.59 5.62 -5.12
N SER A 348 -14.50 4.87 -5.47
CA SER A 348 -14.54 3.58 -6.19
C SER A 348 -15.14 3.66 -7.60
N SER A 349 -15.35 4.86 -8.14
CA SER A 349 -15.93 5.02 -9.49
C SER A 349 -14.91 4.75 -10.61
N ILE A 350 -13.59 4.87 -10.31
CA ILE A 350 -12.52 4.66 -11.30
C ILE A 350 -11.49 3.65 -10.76
N LEU A 351 -11.02 2.79 -11.64
CA LEU A 351 -9.95 1.82 -11.38
C LEU A 351 -8.88 2.02 -12.44
N ILE A 352 -7.66 2.33 -12.00
CA ILE A 352 -6.51 2.52 -12.86
C ILE A 352 -5.55 1.33 -12.71
N ALA A 353 -5.06 0.78 -13.86
CA ALA A 353 -4.07 -0.28 -13.86
C ALA A 353 -2.83 0.22 -14.64
N VAL A 354 -1.64 -0.08 -14.13
CA VAL A 354 -0.37 0.32 -14.78
C VAL A 354 0.42 -0.94 -15.13
N CYS A 355 1.15 -0.92 -16.25
CA CYS A 355 1.84 -2.05 -16.86
C CYS A 355 3.34 -1.89 -17.05
N ASP A 356 4.02 -3.03 -17.27
CA ASP A 356 5.45 -3.18 -17.62
C ASP A 356 5.82 -2.56 -18.95
N ASP A 357 4.85 -2.37 -19.85
CA ASP A 357 5.14 -1.78 -21.16
C ASP A 357 4.88 -0.26 -21.16
N ALA A 358 4.79 0.36 -19.96
CA ALA A 358 4.54 1.80 -19.71
C ALA A 358 3.11 2.26 -20.02
N SER A 359 2.16 1.33 -20.10
CA SER A 359 0.78 1.67 -20.42
C SER A 359 -0.06 1.84 -19.16
N ILE A 360 -1.07 2.75 -19.21
CA ILE A 360 -1.99 3.07 -18.13
C ILE A 360 -3.40 2.79 -18.65
N TRP A 361 -4.22 2.09 -17.88
CA TRP A 361 -5.57 1.72 -18.31
C TRP A 361 -6.61 2.30 -17.35
N ARG A 362 -7.63 2.97 -17.89
CA ARG A 362 -8.70 3.55 -17.07
C ARG A 362 -10.01 2.80 -17.27
N TRP A 363 -10.54 2.22 -16.18
CA TRP A 363 -11.79 1.45 -16.10
C TRP A 363 -12.79 2.23 -15.23
N ASP A 364 -13.92 2.61 -15.79
CA ASP A 364 -14.92 3.34 -15.01
C ASP A 364 -16.04 2.37 -14.61
N ARG A 365 -16.47 2.44 -13.33
CA ARG A 365 -17.54 1.59 -12.80
C ARG A 365 -18.89 2.01 -13.39
N LEU A 366 -19.70 1.02 -13.79
CA LEU A 366 -21.02 1.25 -14.39
C LEU A 366 -22.13 1.30 -13.34
N SER B 1 -21.25 -14.84 12.54
CA SER B 1 -20.25 -15.53 11.73
C SER B 1 -18.88 -14.85 11.83
N MET B 2 -17.82 -15.53 11.33
CA MET B 2 -16.44 -15.04 11.31
C MET B 2 -16.33 -13.84 10.35
N PHE B 3 -16.79 -14.01 9.08
CA PHE B 3 -16.75 -12.99 8.06
C PHE B 3 -17.73 -11.83 8.34
N SER B 4 -18.90 -12.13 8.94
CA SER B 4 -19.91 -11.12 9.28
C SER B 4 -19.46 -10.22 10.43
N SER B 5 -18.79 -10.81 11.46
CA SER B 5 -18.26 -10.04 12.58
C SER B 5 -17.09 -9.22 12.08
N ASN B 6 -16.28 -9.80 11.15
CA ASN B 6 -15.16 -9.08 10.57
C ASN B 6 -15.66 -7.90 9.72
N ARG B 7 -16.73 -8.08 8.89
CA ARG B 7 -17.31 -6.99 8.10
C ARG B 7 -17.76 -5.81 8.97
N GLN B 8 -18.37 -6.08 10.15
CA GLN B 8 -18.84 -5.02 11.06
C GLN B 8 -17.65 -4.18 11.56
N LYS B 9 -16.52 -4.83 11.87
CA LYS B 9 -15.29 -4.13 12.29
C LYS B 9 -14.80 -3.24 11.14
N ILE B 10 -14.79 -3.74 9.88
CA ILE B 10 -14.41 -2.94 8.72
C ILE B 10 -15.35 -1.72 8.58
N LEU B 11 -16.67 -1.94 8.65
CA LEU B 11 -17.67 -0.87 8.54
C LEU B 11 -17.43 0.22 9.60
N GLU B 12 -17.32 -0.18 10.88
CA GLU B 12 -17.10 0.76 12.01
C GLU B 12 -15.82 1.56 11.87
N ARG B 13 -14.69 0.90 11.49
CA ARG B 13 -13.39 1.55 11.41
C ARG B 13 -13.25 2.43 10.17
N THR B 14 -13.78 2.00 9.00
CA THR B 14 -13.75 2.82 7.79
C THR B 14 -14.62 4.07 7.98
N GLU B 15 -15.74 3.96 8.74
CA GLU B 15 -16.66 5.06 9.09
C GLU B 15 -15.90 6.11 9.90
N ILE B 16 -15.07 5.65 10.87
CA ILE B 16 -14.23 6.53 11.70
C ILE B 16 -13.28 7.30 10.77
N LEU B 17 -12.58 6.58 9.84
CA LEU B 17 -11.64 7.22 8.89
C LEU B 17 -12.35 8.21 7.94
N ASN B 18 -13.54 7.83 7.46
CA ASN B 18 -14.33 8.66 6.55
C ASN B 18 -14.77 9.94 7.24
N GLN B 19 -15.16 9.87 8.54
CA GLN B 19 -15.54 11.05 9.33
C GLN B 19 -14.35 12.01 9.50
N GLU B 20 -13.15 11.47 9.72
CA GLU B 20 -11.91 12.23 9.83
C GLU B 20 -11.55 12.89 8.52
N TRP B 21 -11.76 12.18 7.37
CA TRP B 21 -11.53 12.73 6.05
C TRP B 21 -12.54 13.87 5.78
N LYS B 22 -13.83 13.66 6.13
CA LYS B 22 -14.90 14.66 5.97
C LYS B 22 -14.60 15.96 6.72
N GLN B 23 -13.94 15.88 7.89
CA GLN B 23 -13.57 17.04 8.74
C GLN B 23 -12.38 17.83 8.22
N ARG B 24 -11.65 17.27 7.26
CA ARG B 24 -10.46 17.85 6.62
C ARG B 24 -10.78 18.62 5.30
N ARG B 25 -9.90 19.57 4.91
CA ARG B 25 -10.03 20.35 3.68
C ARG B 25 -8.65 20.45 2.98
N ILE B 26 -8.18 19.31 2.43
CA ILE B 26 -6.86 19.22 1.76
C ILE B 26 -6.92 19.91 0.40
N GLN B 27 -6.03 20.90 0.21
CA GLN B 27 -5.89 21.74 -0.99
C GLN B 27 -5.61 20.86 -2.23
N PRO B 28 -6.15 21.19 -3.43
CA PRO B 28 -5.88 20.33 -4.60
C PRO B 28 -4.44 20.44 -5.09
N VAL B 29 -4.00 19.41 -5.84
CA VAL B 29 -2.68 19.36 -6.47
C VAL B 29 -2.66 20.41 -7.61
#